data_9C4R
#
_entry.id   9C4R
#
_cell.length_a   178.415
_cell.length_b   178.415
_cell.length_c   184.309
_cell.angle_alpha   90.000
_cell.angle_beta   90.000
_cell.angle_gamma   120.000
#
_symmetry.space_group_name_H-M   'P 64 2 2'
#
loop_
_entity.id
_entity.type
_entity.pdbx_description
1 polymer 'Acetolactate synthase, chloroplastic'
2 non-polymer 'MAGNESIUM ION'
3 non-polymer 'FLAVIN-ADENINE DINUCLEOTIDE'
4 non-polymer '2-[3-[(4-azanyl-2-methyl-pyrimidin-5-yl)methyl]-2-[(1~{S})-1-(dioxidanyl)-1-oxidanyl-ethyl]-4-methyl-1,3-thiazol-5-yl]ethyl phosphono hydrogen phosphate'
5 non-polymer 2-(2-chloroethoxy)-N-[(4-methoxy-6-methylpyrimidin-2-yl)carbamoyl]benzene-1-sulfonamide
6 non-polymer 'ACETATE ION'
7 non-polymer '2-[N-CYCLOHEXYLAMINO]ETHANE SULFONIC ACID'
8 non-polymer 'OXYGEN MOLECULE'
9 water water
#
_entity_poly.entity_id   1
_entity_poly.type   'polypeptide(L)'
_entity_poly.pdbx_seq_one_letter_code
;TFISRFAPDQPRKGADILVEALERQGVETVFAYPGGASMEIHQALTRSSSIRNVLPRHEQGGVFAAEGYARSSGKPGICI
ATSGPGATNLVSGLADALLDSVPLVAITGQVPRRMIGTDAFQETPIVEVTRSITKHNYLVMDVEDIPRIIEEAFFLATSG
RPGPVLVDVPKDIQQQLAIPNWEQAMRLPGYMSRMPKPPEDSHLEQIVRLISESKKPVLYVGGGCLNSSDELGRFVELTG
IPVASTLMGLGSYP(CSD)DDELSLHMLGMHGTVYANYAVEHSDLLLAFGVRFDDRVTGKLEAFASRAKIVHIDIDSAEI
GKNKTPHVSVCGDVKLALQGMNKVLENRAEELKLDFGVWRNELNVQKQKFPLSFKTFGEAIPPQYAIKVLDELTDGKAII
STGVGQHQMWAAQFYNYKKPRQWLSSGGLGAMGFGLPAAIGASVANPDAIVVDIDGDGSFIMNVQELATIRVENLPVKVL
LLNNQHLGMVMQWEDRFYKANRAHTFLGDPAQEDEIFPNMLLFAAACGIPAARVTKKADLREAIQTMLDTPGPYLLDVIC
PHQEHVLPMIPSGGTFNDVITEGDGRLEHHHHHH
;
_entity_poly.pdbx_strand_id   A
#
# COMPACT_ATOMS: atom_id res chain seq x y z
N THR A 1 7.51 21.53 -24.09
CA THR A 1 8.59 22.46 -23.76
C THR A 1 8.34 23.14 -22.43
N PHE A 2 9.18 22.84 -21.44
CA PHE A 2 9.01 23.37 -20.10
C PHE A 2 9.33 24.87 -20.07
N ILE A 3 8.59 25.59 -19.23
CA ILE A 3 8.75 27.03 -19.07
C ILE A 3 9.26 27.29 -17.66
N SER A 4 10.46 27.88 -17.57
CA SER A 4 11.05 28.21 -16.29
C SER A 4 10.59 29.59 -15.83
N ARG A 5 10.60 29.78 -14.50
CA ARG A 5 10.35 31.07 -13.90
C ARG A 5 11.62 31.91 -13.79
N PHE A 6 12.71 31.45 -14.39
CA PHE A 6 13.99 32.15 -14.33
C PHE A 6 14.61 32.14 -15.73
N ALA A 7 15.53 33.07 -15.96
CA ALA A 7 16.23 33.12 -17.23
C ALA A 7 17.25 31.98 -17.30
N PRO A 8 17.56 31.50 -18.51
CA PRO A 8 18.55 30.42 -18.63
C PRO A 8 19.95 30.82 -18.21
N ASP A 9 20.24 32.11 -18.09
CA ASP A 9 21.55 32.59 -17.67
C ASP A 9 21.50 33.29 -16.31
N GLN A 10 20.36 33.23 -15.61
CA GLN A 10 20.18 33.94 -14.36
C GLN A 10 20.49 33.01 -13.19
N PRO A 11 21.41 33.38 -12.30
CA PRO A 11 21.64 32.58 -11.10
C PRO A 11 20.44 32.61 -10.17
N ARG A 12 20.23 31.48 -9.48
CA ARG A 12 19.13 31.33 -8.54
C ARG A 12 19.58 30.46 -7.38
N LYS A 13 18.85 30.55 -6.27
CA LYS A 13 19.17 29.75 -5.10
C LYS A 13 19.04 28.26 -5.42
N GLY A 14 19.83 27.46 -4.71
CA GLY A 14 19.75 26.02 -4.88
C GLY A 14 18.37 25.48 -4.54
N ALA A 15 17.70 26.08 -3.57
CA ALA A 15 16.32 25.69 -3.26
C ALA A 15 15.40 25.93 -4.45
N ASP A 16 15.61 27.04 -5.17
CA ASP A 16 14.82 27.30 -6.37
C ASP A 16 15.14 26.32 -7.48
N ILE A 17 16.38 25.85 -7.54
CA ILE A 17 16.74 24.81 -8.51
C ILE A 17 16.06 23.50 -8.15
N LEU A 18 16.00 23.19 -6.86
CA LEU A 18 15.38 21.93 -6.42
C LEU A 18 13.89 21.91 -6.75
N VAL A 19 13.20 23.03 -6.53
CA VAL A 19 11.77 23.09 -6.82
C VAL A 19 11.52 23.00 -8.31
N GLU A 20 12.33 23.71 -9.11
CA GLU A 20 12.19 23.59 -10.57
C GLU A 20 12.50 22.19 -11.04
N ALA A 21 13.45 21.51 -10.39
CA ALA A 21 13.70 20.11 -10.70
C ALA A 21 12.47 19.24 -10.44
N LEU A 22 11.69 19.60 -9.43
CA LEU A 22 10.44 18.87 -9.18
C LEU A 22 9.39 19.22 -10.23
N GLU A 23 9.30 20.50 -10.61
CA GLU A 23 8.37 20.92 -11.65
C GLU A 23 8.66 20.20 -12.96
N ARG A 24 9.94 20.04 -13.30
CA ARG A 24 10.32 19.33 -14.51
C ARG A 24 10.05 17.83 -14.42
N GLN A 25 9.79 17.31 -13.23
CA GLN A 25 9.39 15.92 -13.06
C GLN A 25 7.88 15.73 -13.07
N GLY A 26 7.12 16.80 -13.32
CA GLY A 26 5.67 16.71 -13.30
C GLY A 26 5.06 16.72 -11.92
N VAL A 27 5.82 17.13 -10.90
CA VAL A 27 5.29 17.13 -9.54
C VAL A 27 4.28 18.25 -9.37
N GLU A 28 3.08 17.90 -8.92
CA GLU A 28 2.05 18.86 -8.62
C GLU A 28 1.77 19.02 -7.13
N THR A 29 2.09 18.00 -6.32
CA THR A 29 1.75 18.00 -4.90
C THR A 29 2.92 17.45 -4.09
N VAL A 30 3.26 18.17 -3.02
CA VAL A 30 4.25 17.72 -2.06
C VAL A 30 3.63 17.82 -0.67
N PHE A 31 4.21 17.05 0.27
CA PHE A 31 3.77 17.04 1.66
C PHE A 31 4.96 17.47 2.50
N ALA A 32 5.05 18.77 2.76
CA ALA A 32 6.24 19.38 3.36
C ALA A 32 5.88 19.99 4.71
N TYR A 33 6.68 19.67 5.73
CA TYR A 33 6.56 20.27 7.05
C TYR A 33 7.78 21.12 7.32
N PRO A 34 7.65 22.42 7.53
CA PRO A 34 8.82 23.30 7.53
C PRO A 34 9.65 23.17 8.79
N GLY A 35 10.91 23.57 8.66
CA GLY A 35 11.84 23.60 9.77
C GLY A 35 13.02 24.47 9.41
N GLY A 36 13.96 24.56 10.34
CA GLY A 36 15.11 25.43 10.14
C GLY A 36 15.94 25.04 8.93
N ALA A 37 16.19 23.74 8.76
CA ALA A 37 17.07 23.28 7.68
C ALA A 37 16.39 23.26 6.32
N SER A 38 15.06 23.28 6.26
CA SER A 38 14.33 23.24 5.00
C SER A 38 13.58 24.53 4.72
N MET A 39 13.88 25.61 5.43
CA MET A 39 13.11 26.85 5.26
C MET A 39 13.32 27.45 3.87
N GLU A 40 14.53 27.32 3.32
CA GLU A 40 14.78 27.82 1.98
C GLU A 40 13.95 27.08 0.95
N ILE A 41 13.75 25.77 1.16
CA ILE A 41 12.93 24.98 0.23
C ILE A 41 11.47 25.43 0.30
N HIS A 42 10.98 25.74 1.50
CA HIS A 42 9.59 26.17 1.64
C HIS A 42 9.38 27.55 1.03
N GLN A 43 10.37 28.43 1.13
CA GLN A 43 10.29 29.72 0.45
C GLN A 43 10.24 29.53 -1.06
N ALA A 44 11.03 28.58 -1.58
CA ALA A 44 11.03 28.33 -3.02
C ALA A 44 9.73 27.67 -3.47
N LEU A 45 9.05 26.95 -2.57
CA LEU A 45 7.78 26.32 -2.93
C LEU A 45 6.70 27.37 -3.15
N THR A 46 6.69 28.43 -2.34
CA THR A 46 5.70 29.48 -2.49
C THR A 46 5.87 30.25 -3.80
N ARG A 47 7.08 30.28 -4.35
CA ARG A 47 7.32 30.91 -5.65
C ARG A 47 6.85 30.05 -6.81
N SER A 48 6.53 28.78 -6.57
CA SER A 48 6.01 27.89 -7.60
C SER A 48 4.51 28.05 -7.72
N SER A 49 4.04 28.22 -8.96
CA SER A 49 2.60 28.33 -9.23
C SER A 49 1.98 27.01 -9.62
N SER A 50 2.77 25.94 -9.72
CA SER A 50 2.27 24.63 -10.14
C SER A 50 2.37 23.56 -9.07
N ILE A 51 3.13 23.78 -7.99
CA ILE A 51 3.31 22.80 -6.93
C ILE A 51 2.49 23.25 -5.72
N ARG A 52 1.58 22.39 -5.29
CA ARG A 52 0.77 22.61 -4.10
C ARG A 52 1.37 21.82 -2.93
N ASN A 53 1.45 22.45 -1.77
CA ASN A 53 1.94 21.82 -0.57
C ASN A 53 0.78 21.54 0.38
N VAL A 54 0.65 20.28 0.79
CA VAL A 54 -0.31 19.88 1.81
C VAL A 54 0.46 19.77 3.11
N LEU A 55 0.36 20.78 3.94
CA LEU A 55 1.05 20.80 5.23
C LEU A 55 0.41 19.81 6.20
N PRO A 56 1.10 18.75 6.60
CA PRO A 56 0.56 17.85 7.61
C PRO A 56 0.77 18.45 9.00
N ARG A 57 0.35 17.69 10.01
CA ARG A 57 0.59 18.05 11.40
C ARG A 57 1.66 17.18 12.04
N HIS A 58 2.25 16.26 11.28
CA HIS A 58 3.31 15.39 11.75
C HIS A 58 4.00 14.82 10.53
N GLU A 59 5.33 14.77 10.56
CA GLU A 59 6.07 14.31 9.38
C GLU A 59 5.74 12.87 9.02
N GLN A 60 5.42 12.04 10.02
CA GLN A 60 4.95 10.69 9.72
C GLN A 60 3.64 10.75 8.95
N GLY A 61 2.76 11.68 9.30
CA GLY A 61 1.59 11.92 8.47
C GLY A 61 1.95 12.44 7.10
N GLY A 62 3.07 13.16 6.99
CA GLY A 62 3.50 13.65 5.69
C GLY A 62 3.95 12.54 4.76
N VAL A 63 4.75 11.61 5.28
CA VAL A 63 5.26 10.52 4.44
C VAL A 63 4.15 9.51 4.14
N PHE A 64 3.29 9.24 5.12
CA PHE A 64 2.16 8.34 4.87
C PHE A 64 1.20 8.94 3.86
N ALA A 65 1.01 10.26 3.89
CA ALA A 65 0.20 10.92 2.87
C ALA A 65 0.85 10.78 1.49
N ALA A 66 2.17 10.92 1.42
CA ALA A 66 2.88 10.71 0.17
C ALA A 66 2.71 9.28 -0.33
N GLU A 67 2.62 8.31 0.59
CA GLU A 67 2.37 6.94 0.18
C GLU A 67 0.99 6.78 -0.43
N GLY A 68 -0.05 7.26 0.26
CA GLY A 68 -1.39 7.17 -0.27
C GLY A 68 -1.53 7.89 -1.60
N TYR A 69 -0.87 9.04 -1.74
CA TYR A 69 -0.79 9.71 -3.03
C TYR A 69 -0.22 8.80 -4.10
N ALA A 70 0.86 8.09 -3.77
CA ALA A 70 1.52 7.23 -4.75
C ALA A 70 0.72 5.95 -4.99
N ARG A 71 0.25 5.31 -3.91
CA ARG A 71 -0.44 4.04 -4.04
C ARG A 71 -1.74 4.17 -4.84
N SER A 72 -2.39 5.33 -4.77
CA SER A 72 -3.68 5.53 -5.42
C SER A 72 -3.57 6.16 -6.80
N SER A 73 -2.36 6.36 -7.32
CA SER A 73 -2.21 7.02 -8.61
C SER A 73 -1.09 6.47 -9.48
N GLY A 74 -0.11 5.75 -8.93
CA GLY A 74 1.05 5.33 -9.69
C GLY A 74 2.14 6.36 -9.81
N LYS A 75 1.82 7.65 -9.60
CA LYS A 75 2.82 8.68 -9.58
C LYS A 75 3.67 8.57 -8.32
N PRO A 76 4.90 9.09 -8.34
CA PRO A 76 5.71 9.09 -7.12
C PRO A 76 5.17 10.08 -6.10
N GLY A 77 5.23 9.69 -4.83
CA GLY A 77 4.84 10.57 -3.74
C GLY A 77 6.04 11.31 -3.20
N ILE A 78 5.86 12.62 -3.00
CA ILE A 78 6.95 13.51 -2.58
C ILE A 78 6.59 14.10 -1.23
N CYS A 79 7.45 13.87 -0.23
CA CYS A 79 7.32 14.48 1.08
C CYS A 79 8.63 15.16 1.44
N ILE A 80 8.52 16.26 2.18
CA ILE A 80 9.67 17.07 2.57
C ILE A 80 9.63 17.30 4.06
N ALA A 81 10.80 17.22 4.70
CA ALA A 81 10.94 17.44 6.13
C ALA A 81 12.25 18.14 6.40
N THR A 82 12.34 18.75 7.58
CA THR A 82 13.58 19.40 7.98
C THR A 82 14.55 18.37 8.53
N SER A 83 15.73 18.83 8.93
CA SER A 83 16.75 17.95 9.47
C SER A 83 16.33 17.43 10.85
N GLY A 84 17.12 16.50 11.38
CA GLY A 84 16.96 16.00 12.73
C GLY A 84 15.61 15.38 13.01
N PRO A 85 14.85 16.01 13.91
CA PRO A 85 13.57 15.41 14.32
C PRO A 85 12.55 15.31 13.21
N GLY A 86 12.58 16.23 12.24
CA GLY A 86 11.71 16.10 11.09
C GLY A 86 12.09 14.92 10.22
N ALA A 87 13.40 14.72 10.01
CA ALA A 87 13.85 13.61 9.18
C ALA A 87 13.57 12.27 9.84
N THR A 88 13.84 12.16 11.15
CA THR A 88 13.65 10.90 11.85
C THR A 88 12.17 10.50 11.93
N ASN A 89 11.26 11.47 11.83
CA ASN A 89 9.83 11.13 11.80
C ASN A 89 9.40 10.49 10.50
N LEU A 90 10.21 10.58 9.44
CA LEU A 90 9.90 9.93 8.17
C LEU A 90 10.27 8.45 8.14
N VAL A 91 10.93 7.95 9.19
CA VAL A 91 11.56 6.64 9.13
C VAL A 91 10.52 5.54 8.88
N SER A 92 9.44 5.55 9.66
CA SER A 92 8.43 4.51 9.52
C SER A 92 7.80 4.51 8.13
N GLY A 93 7.67 5.69 7.51
CA GLY A 93 7.12 5.74 6.17
C GLY A 93 8.09 5.24 5.11
N LEU A 94 9.39 5.53 5.28
CA LEU A 94 10.38 5.07 4.34
C LEU A 94 10.48 3.54 4.35
N ALA A 95 10.58 2.95 5.54
CA ALA A 95 10.60 1.49 5.64
C ALA A 95 9.32 0.88 5.11
N ASP A 96 8.18 1.55 5.33
CA ASP A 96 6.91 1.05 4.82
C ASP A 96 6.88 1.07 3.30
N ALA A 97 7.36 2.15 2.69
CA ALA A 97 7.37 2.23 1.23
C ALA A 97 8.33 1.22 0.61
N LEU A 98 9.43 0.91 1.30
CA LEU A 98 10.39 -0.04 0.76
C LEU A 98 9.82 -1.46 0.75
N LEU A 99 9.20 -1.86 1.87
CA LEU A 99 8.70 -3.22 1.98
C LEU A 99 7.53 -3.48 1.04
N ASP A 100 6.73 -2.45 0.73
CA ASP A 100 5.61 -2.59 -0.18
C ASP A 100 5.91 -2.08 -1.58
N SER A 101 7.14 -1.66 -1.85
CA SER A 101 7.58 -1.26 -3.18
C SER A 101 6.73 -0.11 -3.74
N VAL A 102 6.69 0.97 -2.99
CA VAL A 102 5.89 2.15 -3.32
C VAL A 102 6.84 3.24 -3.81
N PRO A 103 6.60 3.84 -4.99
CA PRO A 103 7.47 4.93 -5.46
C PRO A 103 7.31 6.16 -4.60
N LEU A 104 8.42 6.64 -4.04
CA LEU A 104 8.40 7.75 -3.10
C LEU A 104 9.75 8.45 -3.11
N VAL A 105 9.71 9.77 -3.07
CA VAL A 105 10.91 10.60 -3.05
C VAL A 105 10.81 11.51 -1.84
N ALA A 106 11.67 11.27 -0.85
CA ALA A 106 11.69 12.05 0.38
C ALA A 106 12.86 13.03 0.34
N ILE A 107 12.57 14.30 0.59
CA ILE A 107 13.58 15.36 0.61
C ILE A 107 13.70 15.87 2.03
N THR A 108 14.90 15.83 2.58
CA THR A 108 15.16 16.31 3.94
C THR A 108 16.21 17.40 3.90
N GLY A 109 15.96 18.49 4.62
CA GLY A 109 16.98 19.47 4.87
C GLY A 109 18.08 18.92 5.75
N GLN A 110 19.22 19.60 5.74
CA GLN A 110 20.37 19.18 6.52
C GLN A 110 21.16 20.41 6.95
N VAL A 111 21.91 20.26 8.03
CA VAL A 111 22.85 21.27 8.49
C VAL A 111 23.81 21.60 7.34
N PRO A 112 24.41 22.79 7.32
CA PRO A 112 25.37 23.09 6.25
C PRO A 112 26.51 22.08 6.22
N ARG A 113 27.12 21.95 5.03
CA ARG A 113 28.06 20.86 4.78
C ARG A 113 29.21 20.87 5.78
N ARG A 114 29.72 22.05 6.13
CA ARG A 114 30.86 22.13 7.04
C ARG A 114 30.50 21.65 8.44
N MET A 115 29.21 21.60 8.79
CA MET A 115 28.78 21.21 10.12
C MET A 115 28.50 19.71 10.24
N ILE A 116 28.56 18.96 9.16
CA ILE A 116 28.19 17.55 9.19
C ILE A 116 29.24 16.77 9.97
N GLY A 117 28.81 16.09 11.03
CA GLY A 117 29.69 15.29 11.86
C GLY A 117 29.97 15.88 13.23
N THR A 118 29.68 17.17 13.41
CA THR A 118 30.00 17.87 14.65
C THR A 118 28.88 17.78 15.69
N ASP A 119 27.87 16.95 15.45
CA ASP A 119 26.69 16.87 16.31
C ASP A 119 26.03 18.25 16.45
N ALA A 120 25.82 18.89 15.31
CA ALA A 120 25.30 20.25 15.30
C ALA A 120 23.81 20.27 15.66
N PHE A 121 23.24 21.47 15.66
CA PHE A 121 21.85 21.67 16.03
C PHE A 121 20.94 20.98 15.03
N GLN A 122 20.12 20.05 15.52
CA GLN A 122 19.17 19.29 14.69
C GLN A 122 19.89 18.52 13.59
N GLU A 123 20.96 17.80 13.96
CA GLU A 123 21.73 17.02 13.01
C GLU A 123 21.66 15.55 13.39
N THR A 124 21.17 14.74 12.46
CA THR A 124 21.25 13.28 12.53
C THR A 124 21.75 12.76 11.20
N PRO A 125 22.61 11.74 11.20
CA PRO A 125 23.05 11.14 9.94
C PRO A 125 21.92 10.38 9.27
N ILE A 126 20.97 11.11 8.68
CA ILE A 126 19.77 10.47 8.15
C ILE A 126 20.10 9.56 6.98
N VAL A 127 21.18 9.84 6.25
CA VAL A 127 21.59 8.95 5.17
C VAL A 127 22.09 7.63 5.73
N GLU A 128 22.85 7.69 6.82
CA GLU A 128 23.30 6.46 7.47
C GLU A 128 22.13 5.70 8.09
N VAL A 129 21.17 6.44 8.66
CA VAL A 129 20.04 5.81 9.34
C VAL A 129 19.14 5.10 8.33
N THR A 130 18.89 5.73 7.18
CA THR A 130 17.90 5.24 6.23
C THR A 130 18.49 4.39 5.12
N ARG A 131 19.79 4.08 5.16
CA ARG A 131 20.41 3.34 4.05
C ARG A 131 19.78 1.97 3.87
N SER A 132 19.37 1.32 4.96
CA SER A 132 18.82 -0.03 4.89
C SER A 132 17.30 -0.05 4.80
N ILE A 133 16.64 1.11 4.79
CA ILE A 133 15.19 1.15 4.67
C ILE A 133 14.79 2.05 3.52
N THR A 134 15.70 2.24 2.57
CA THR A 134 15.43 2.97 1.34
C THR A 134 16.04 2.22 0.17
N LYS A 135 15.43 2.38 -1.00
CA LYS A 135 16.01 1.79 -2.21
C LYS A 135 17.37 2.42 -2.51
N HIS A 136 17.52 3.71 -2.23
CA HIS A 136 18.76 4.45 -2.41
C HIS A 136 18.59 5.80 -1.73
N ASN A 137 19.70 6.43 -1.40
CA ASN A 137 19.66 7.77 -0.83
C ASN A 137 20.86 8.58 -1.31
N TYR A 138 20.82 9.87 -1.05
CA TYR A 138 21.85 10.79 -1.50
C TYR A 138 22.14 11.82 -0.41
N LEU A 139 23.36 12.33 -0.41
CA LEU A 139 23.74 13.51 0.37
C LEU A 139 24.32 14.51 -0.64
N VAL A 140 23.52 15.50 -1.02
CA VAL A 140 23.95 16.49 -2.01
C VAL A 140 25.11 17.29 -1.42
N MET A 141 26.25 17.26 -2.10
CA MET A 141 27.44 17.97 -1.65
C MET A 141 27.78 19.17 -2.51
N ASP A 142 27.03 19.42 -3.59
CA ASP A 142 27.25 20.59 -4.42
C ASP A 142 25.94 20.98 -5.08
N VAL A 143 25.73 22.29 -5.21
CA VAL A 143 24.49 22.79 -5.80
C VAL A 143 24.35 22.36 -7.25
N GLU A 144 25.47 22.13 -7.94
CA GLU A 144 25.40 21.73 -9.34
C GLU A 144 24.92 20.29 -9.52
N ASP A 145 24.93 19.49 -8.44
CA ASP A 145 24.45 18.12 -8.51
C ASP A 145 22.94 18.01 -8.31
N ILE A 146 22.25 19.11 -7.98
CA ILE A 146 20.82 19.05 -7.70
C ILE A 146 20.01 18.56 -8.91
N PRO A 147 20.19 19.09 -10.12
CA PRO A 147 19.39 18.57 -11.24
C PRO A 147 19.63 17.09 -11.51
N ARG A 148 20.88 16.63 -11.40
CA ARG A 148 21.19 15.24 -11.68
C ARG A 148 20.61 14.31 -10.62
N ILE A 149 20.79 14.67 -9.34
CA ILE A 149 20.38 13.79 -8.26
C ILE A 149 18.85 13.68 -8.20
N ILE A 150 18.15 14.80 -8.41
CA ILE A 150 16.69 14.76 -8.40
C ILE A 150 16.18 13.89 -9.56
N GLU A 151 16.82 13.99 -10.72
CA GLU A 151 16.44 13.13 -11.84
C GLU A 151 16.73 11.67 -11.54
N GLU A 152 17.87 11.39 -10.91
CA GLU A 152 18.19 10.02 -10.53
C GLU A 152 17.24 9.52 -9.44
N ALA A 153 16.86 10.39 -8.51
CA ALA A 153 15.98 9.99 -7.42
C ALA A 153 14.61 9.57 -7.94
N PHE A 154 14.05 10.35 -8.86
CA PHE A 154 12.76 10.00 -9.43
C PHE A 154 12.86 8.79 -10.34
N PHE A 155 13.96 8.64 -11.07
CA PHE A 155 14.14 7.48 -11.93
C PHE A 155 14.24 6.21 -11.11
N LEU A 156 15.03 6.23 -10.03
CA LEU A 156 15.16 5.04 -9.19
C LEU A 156 13.87 4.72 -8.46
N ALA A 157 13.14 5.76 -8.02
CA ALA A 157 11.94 5.52 -7.23
C ALA A 157 10.82 4.89 -8.05
N THR A 158 10.79 5.15 -9.37
CA THR A 158 9.69 4.72 -10.21
C THR A 158 10.02 3.58 -11.15
N SER A 159 11.28 3.39 -11.52
CA SER A 159 11.66 2.35 -12.45
C SER A 159 11.98 1.04 -11.72
N GLY A 160 12.02 -0.04 -12.49
CA GLY A 160 12.30 -1.35 -11.92
C GLY A 160 11.29 -1.70 -10.85
N ARG A 161 11.79 -2.22 -9.73
CA ARG A 161 10.95 -2.39 -8.55
C ARG A 161 10.86 -1.05 -7.85
N PRO A 162 9.68 -0.42 -7.81
CA PRO A 162 9.57 0.91 -7.21
C PRO A 162 9.93 0.88 -5.73
N GLY A 163 10.35 2.04 -5.23
CA GLY A 163 10.76 2.16 -3.86
C GLY A 163 11.03 3.60 -3.45
N PRO A 164 11.34 3.81 -2.17
CA PRO A 164 11.62 5.16 -1.68
C PRO A 164 13.07 5.56 -1.87
N VAL A 165 13.26 6.83 -2.22
CA VAL A 165 14.59 7.42 -2.36
C VAL A 165 14.62 8.71 -1.54
N LEU A 166 15.64 8.85 -0.71
CA LEU A 166 15.80 10.02 0.16
C LEU A 166 16.92 10.90 -0.37
N VAL A 167 16.66 12.20 -0.44
CA VAL A 167 17.65 13.18 -0.88
C VAL A 167 17.86 14.17 0.27
N ASP A 168 19.06 14.14 0.85
CA ASP A 168 19.41 15.02 1.96
C ASP A 168 20.13 16.25 1.42
N VAL A 169 19.59 17.42 1.70
CA VAL A 169 20.09 18.66 1.13
C VAL A 169 20.57 19.60 2.23
N PRO A 170 21.87 19.88 2.31
CA PRO A 170 22.36 20.82 3.32
C PRO A 170 21.85 22.24 3.07
N LYS A 171 21.72 22.99 4.16
CA LYS A 171 21.09 24.31 4.07
C LYS A 171 21.92 25.27 3.23
N ASP A 172 23.25 25.19 3.31
CA ASP A 172 24.08 26.09 2.52
C ASP A 172 23.94 25.83 1.03
N ILE A 173 23.68 24.59 0.63
CA ILE A 173 23.44 24.29 -0.77
C ILE A 173 22.14 24.91 -1.23
N GLN A 174 21.13 24.96 -0.35
CA GLN A 174 19.87 25.58 -0.71
C GLN A 174 20.01 27.08 -0.93
N GLN A 175 20.96 27.72 -0.24
CA GLN A 175 21.14 29.16 -0.33
C GLN A 175 22.10 29.58 -1.42
N GLN A 176 22.96 28.68 -1.89
CA GLN A 176 23.98 29.05 -2.86
C GLN A 176 23.37 29.34 -4.22
N LEU A 177 23.84 30.42 -4.85
CA LEU A 177 23.39 30.79 -6.19
C LEU A 177 24.11 29.95 -7.23
N ALA A 178 23.38 29.55 -8.27
CA ALA A 178 23.95 28.75 -9.34
C ALA A 178 23.03 28.81 -10.54
N ILE A 179 23.55 28.37 -11.68
CA ILE A 179 22.81 28.25 -12.93
C ILE A 179 22.69 26.77 -13.25
N PRO A 180 21.49 26.19 -13.17
CA PRO A 180 21.36 24.74 -13.31
C PRO A 180 21.58 24.26 -14.73
N ASN A 181 22.18 23.08 -14.85
CA ASN A 181 22.35 22.38 -16.12
C ASN A 181 21.36 21.22 -16.12
N TRP A 182 20.27 21.38 -16.86
CA TRP A 182 19.22 20.35 -16.90
C TRP A 182 19.50 19.25 -17.90
N GLU A 183 20.62 19.30 -18.62
CA GLU A 183 20.97 18.28 -19.59
C GLU A 183 22.01 17.31 -19.07
N GLN A 184 22.25 17.29 -17.76
CA GLN A 184 23.22 16.37 -17.18
C GLN A 184 22.77 14.92 -17.37
N ALA A 185 23.73 14.05 -17.66
CA ALA A 185 23.45 12.63 -17.76
C ALA A 185 23.48 11.99 -16.38
N MET A 186 22.63 10.97 -16.19
CA MET A 186 22.55 10.29 -14.91
C MET A 186 23.72 9.35 -14.72
N ARG A 187 24.23 9.27 -13.49
CA ARG A 187 25.34 8.40 -13.15
C ARG A 187 24.81 7.13 -12.49
N LEU A 188 24.11 6.33 -13.30
CA LEU A 188 23.59 5.03 -12.86
C LEU A 188 23.96 3.95 -13.86
N PRO A 189 25.26 3.77 -14.15
CA PRO A 189 25.64 2.79 -15.18
C PRO A 189 25.36 1.36 -14.78
N GLY A 190 25.61 1.00 -13.52
CA GLY A 190 25.35 -0.36 -13.10
C GLY A 190 23.87 -0.68 -13.02
N TYR A 191 23.10 0.21 -12.40
CA TYR A 191 21.66 -0.03 -12.26
C TYR A 191 20.97 -0.13 -13.60
N MET A 192 21.36 0.70 -14.56
CA MET A 192 20.69 0.69 -15.86
C MET A 192 21.10 -0.50 -16.71
N SER A 193 22.34 -0.99 -16.54
CA SER A 193 22.76 -2.16 -17.28
C SER A 193 22.09 -3.44 -16.79
N ARG A 194 21.61 -3.45 -15.54
CA ARG A 194 20.95 -4.61 -14.97
C ARG A 194 19.42 -4.49 -15.02
N MET A 195 18.90 -3.48 -15.71
CA MET A 195 17.46 -3.36 -15.84
C MET A 195 16.90 -4.54 -16.64
N PRO A 196 15.79 -5.12 -16.21
CA PRO A 196 15.25 -6.29 -16.92
C PRO A 196 14.86 -5.94 -18.36
N LYS A 197 15.14 -6.86 -19.26
CA LYS A 197 14.81 -6.73 -20.66
C LYS A 197 13.42 -7.27 -20.93
N PRO A 198 12.78 -6.85 -22.03
CA PRO A 198 11.49 -7.44 -22.40
C PRO A 198 11.61 -8.94 -22.57
N PRO A 199 10.61 -9.70 -22.10
CA PRO A 199 10.77 -11.15 -22.01
C PRO A 199 10.94 -11.79 -23.38
N GLU A 200 11.80 -12.80 -23.44
CA GLU A 200 12.03 -13.55 -24.67
C GLU A 200 10.80 -14.40 -25.01
N ASP A 201 10.63 -14.66 -26.30
CA ASP A 201 9.53 -15.52 -26.74
C ASP A 201 9.73 -16.95 -26.26
N SER A 202 10.97 -17.43 -26.24
CA SER A 202 11.24 -18.80 -25.82
C SER A 202 10.78 -19.05 -24.39
N HIS A 203 10.91 -18.04 -23.52
CA HIS A 203 10.43 -18.19 -22.15
C HIS A 203 8.91 -18.23 -22.10
N LEU A 204 8.24 -17.39 -22.90
CA LEU A 204 6.79 -17.31 -22.84
C LEU A 204 6.13 -18.53 -23.46
N GLU A 205 6.71 -19.07 -24.53
CA GLU A 205 6.15 -20.26 -25.16
C GLU A 205 6.18 -21.45 -24.21
N GLN A 206 7.23 -21.57 -23.40
CA GLN A 206 7.32 -22.69 -22.47
C GLN A 206 6.30 -22.55 -21.34
N ILE A 207 5.92 -21.33 -20.99
CA ILE A 207 4.91 -21.13 -19.95
C ILE A 207 3.53 -21.51 -20.48
N VAL A 208 3.18 -21.02 -21.67
CA VAL A 208 1.94 -21.44 -22.32
C VAL A 208 1.93 -22.94 -22.51
N ARG A 209 3.09 -23.52 -22.84
CA ARG A 209 3.22 -24.97 -22.95
C ARG A 209 2.88 -25.64 -21.61
N LEU A 210 3.36 -25.08 -20.50
CA LEU A 210 3.09 -25.67 -19.20
C LEU A 210 1.63 -25.52 -18.79
N ILE A 211 0.94 -24.49 -19.32
CA ILE A 211 -0.46 -24.29 -19.00
C ILE A 211 -1.31 -25.40 -19.60
N SER A 212 -1.04 -25.75 -20.87
CA SER A 212 -1.84 -26.78 -21.53
C SER A 212 -1.60 -28.17 -20.93
N GLU A 213 -0.41 -28.40 -20.38
CA GLU A 213 -0.11 -29.70 -19.76
C GLU A 213 -0.60 -29.81 -18.34
N SER A 214 -1.10 -28.72 -17.75
CA SER A 214 -1.56 -28.71 -16.38
C SER A 214 -3.07 -28.94 -16.31
N LYS A 215 -3.51 -29.54 -15.21
CA LYS A 215 -4.92 -29.76 -14.96
C LYS A 215 -5.46 -29.01 -13.75
N LYS A 216 -4.60 -28.50 -12.89
CA LYS A 216 -5.00 -27.75 -11.69
C LYS A 216 -4.16 -26.49 -11.56
N PRO A 217 -4.33 -25.53 -12.47
CA PRO A 217 -3.54 -24.30 -12.41
C PRO A 217 -4.18 -23.24 -11.52
N VAL A 218 -3.31 -22.45 -10.88
CA VAL A 218 -3.75 -21.39 -9.97
C VAL A 218 -2.90 -20.15 -10.24
N LEU A 219 -3.56 -19.01 -10.40
CA LEU A 219 -2.87 -17.74 -10.54
C LEU A 219 -2.57 -17.16 -9.15
N TYR A 220 -1.32 -16.77 -8.93
CA TYR A 220 -0.83 -16.23 -7.67
C TYR A 220 -0.43 -14.78 -7.94
N VAL A 221 -1.39 -13.87 -7.79
CA VAL A 221 -1.25 -12.47 -8.22
C VAL A 221 -0.97 -11.60 -7.01
N GLY A 222 -0.03 -10.67 -7.16
CA GLY A 222 0.32 -9.76 -6.08
C GLY A 222 0.48 -8.31 -6.50
N GLY A 223 1.19 -7.53 -5.68
CA GLY A 223 1.32 -6.11 -5.91
C GLY A 223 2.02 -5.74 -7.20
N GLY A 224 2.78 -6.67 -7.77
CA GLY A 224 3.45 -6.42 -9.04
C GLY A 224 2.54 -6.31 -10.25
N CYS A 225 1.25 -6.56 -10.09
CA CYS A 225 0.29 -6.51 -11.18
C CYS A 225 -0.61 -5.29 -11.15
N LEU A 226 -0.27 -4.29 -10.32
CA LEU A 226 -1.15 -3.12 -10.18
C LEU A 226 -1.27 -2.31 -11.46
N ASN A 227 -0.36 -2.51 -12.43
CA ASN A 227 -0.42 -1.81 -13.71
C ASN A 227 -0.74 -2.76 -14.85
N SER A 228 -1.28 -3.94 -14.57
CA SER A 228 -1.56 -4.95 -15.59
C SER A 228 -2.98 -5.47 -15.45
N SER A 229 -3.91 -4.63 -14.99
CA SER A 229 -5.29 -5.09 -14.79
C SER A 229 -5.93 -5.54 -16.09
N ASP A 230 -5.69 -4.80 -17.18
CA ASP A 230 -6.25 -5.20 -18.47
C ASP A 230 -5.55 -6.44 -19.01
N GLU A 231 -4.22 -6.46 -18.97
CA GLU A 231 -3.47 -7.60 -19.49
C GLU A 231 -3.76 -8.86 -18.69
N LEU A 232 -3.95 -8.72 -17.38
CA LEU A 232 -4.28 -9.89 -16.56
C LEU A 232 -5.69 -10.37 -16.84
N GLY A 233 -6.65 -9.45 -16.97
CA GLY A 233 -8.01 -9.85 -17.29
C GLY A 233 -8.11 -10.54 -18.63
N ARG A 234 -7.35 -10.08 -19.63
CA ARG A 234 -7.30 -10.76 -20.91
C ARG A 234 -6.67 -12.14 -20.78
N PHE A 235 -5.65 -12.26 -19.93
CA PHE A 235 -5.00 -13.55 -19.71
C PHE A 235 -5.95 -14.55 -19.08
N VAL A 236 -6.80 -14.10 -18.16
CA VAL A 236 -7.74 -15.00 -17.51
C VAL A 236 -8.86 -15.40 -18.47
N GLU A 237 -9.26 -14.49 -19.37
CA GLU A 237 -10.24 -14.87 -20.39
C GLU A 237 -9.71 -15.97 -21.29
N LEU A 238 -8.43 -15.88 -21.68
CA LEU A 238 -7.87 -16.85 -22.61
C LEU A 238 -7.58 -18.20 -21.96
N THR A 239 -7.45 -18.24 -20.63
CA THR A 239 -7.08 -19.47 -19.94
C THR A 239 -8.14 -19.98 -18.98
N GLY A 240 -8.92 -19.10 -18.36
CA GLY A 240 -9.90 -19.54 -17.38
C GLY A 240 -9.29 -20.09 -16.11
N ILE A 241 -8.13 -19.58 -15.71
CA ILE A 241 -7.44 -20.04 -14.50
C ILE A 241 -7.94 -19.20 -13.32
N PRO A 242 -8.31 -19.82 -12.21
CA PRO A 242 -8.76 -19.04 -11.05
C PRO A 242 -7.62 -18.20 -10.48
N VAL A 243 -7.98 -17.06 -9.90
CA VAL A 243 -7.03 -16.04 -9.49
C VAL A 243 -7.03 -15.93 -7.97
N ALA A 244 -5.89 -16.25 -7.37
CA ALA A 244 -5.65 -16.01 -5.94
C ALA A 244 -4.76 -14.79 -5.79
N SER A 245 -5.21 -13.82 -5.00
CA SER A 245 -4.53 -12.55 -4.86
C SER A 245 -3.95 -12.39 -3.47
N THR A 246 -2.86 -11.63 -3.38
CA THR A 246 -2.28 -11.28 -2.10
C THR A 246 -2.96 -10.03 -1.53
N LEU A 247 -2.59 -9.70 -0.29
CA LEU A 247 -3.09 -8.47 0.31
C LEU A 247 -2.72 -7.25 -0.53
N MET A 248 -1.54 -7.28 -1.14
CA MET A 248 -1.08 -6.15 -1.95
C MET A 248 -1.69 -6.16 -3.35
N GLY A 249 -2.11 -7.31 -3.86
CA GLY A 249 -2.62 -7.42 -5.21
C GLY A 249 -4.11 -7.26 -5.36
N LEU A 250 -4.85 -6.98 -4.28
CA LEU A 250 -6.29 -6.85 -4.36
C LEU A 250 -6.68 -5.75 -5.34
N GLY A 251 -7.57 -6.08 -6.27
CA GLY A 251 -8.03 -5.16 -7.28
C GLY A 251 -7.46 -5.38 -8.65
N SER A 252 -6.29 -6.03 -8.75
CA SER A 252 -5.74 -6.38 -10.06
C SER A 252 -6.74 -7.19 -10.86
N TYR A 253 -7.25 -8.26 -10.27
CA TYR A 253 -8.39 -8.98 -10.80
C TYR A 253 -9.59 -8.73 -9.91
N PRO A 254 -10.74 -8.32 -10.46
CA PRO A 254 -11.95 -7.97 -9.69
C PRO A 254 -12.36 -9.05 -8.69
N ASP A 256 -15.39 -9.51 -7.27
CA ASP A 256 -16.74 -10.04 -7.47
C ASP A 256 -16.85 -10.85 -8.76
N ASP A 257 -15.71 -11.21 -9.35
CA ASP A 257 -15.70 -11.97 -10.58
C ASP A 257 -15.84 -13.45 -10.29
N GLU A 258 -16.37 -14.19 -11.28
CA GLU A 258 -16.66 -15.60 -11.08
C GLU A 258 -15.40 -16.42 -10.85
N LEU A 259 -14.27 -16.00 -11.41
CA LEU A 259 -13.02 -16.74 -11.31
C LEU A 259 -12.15 -16.31 -10.14
N SER A 260 -12.64 -15.41 -9.29
CA SER A 260 -11.82 -14.86 -8.22
C SER A 260 -11.84 -15.78 -7.01
N LEU A 261 -10.66 -16.23 -6.59
CA LEU A 261 -10.49 -16.98 -5.35
C LEU A 261 -10.29 -16.07 -4.14
N HIS A 262 -10.34 -14.76 -4.34
CA HIS A 262 -10.15 -13.75 -3.29
C HIS A 262 -8.73 -13.89 -2.74
N MET A 263 -8.52 -13.49 -1.49
CA MET A 263 -7.18 -13.45 -0.92
C MET A 263 -6.76 -14.84 -0.43
N LEU A 264 -5.46 -15.10 -0.52
CA LEU A 264 -4.84 -16.30 0.03
C LEU A 264 -3.88 -15.91 1.14
N GLY A 265 -3.44 -16.91 1.90
CA GLY A 265 -2.43 -16.70 2.93
C GLY A 265 -2.97 -17.00 4.32
N MET A 266 -2.37 -16.33 5.31
CA MET A 266 -2.72 -16.59 6.71
C MET A 266 -4.20 -16.34 6.97
N HIS A 267 -4.73 -15.22 6.48
CA HIS A 267 -6.14 -14.92 6.61
C HIS A 267 -6.87 -14.98 5.27
N GLY A 268 -6.31 -15.72 4.31
CA GLY A 268 -6.99 -15.90 3.05
C GLY A 268 -8.10 -16.94 3.14
N THR A 269 -8.98 -16.91 2.15
CA THR A 269 -10.13 -17.81 2.13
C THR A 269 -9.66 -19.27 2.10
N VAL A 270 -10.54 -20.15 2.59
CA VAL A 270 -10.20 -21.57 2.63
C VAL A 270 -10.02 -22.12 1.23
N TYR A 271 -10.83 -21.68 0.28
CA TYR A 271 -10.75 -22.22 -1.08
C TYR A 271 -9.53 -21.69 -1.82
N ALA A 272 -9.09 -20.46 -1.54
CA ALA A 272 -7.88 -19.95 -2.16
C ALA A 272 -6.65 -20.72 -1.69
N ASN A 273 -6.55 -20.96 -0.38
CA ASN A 273 -5.45 -21.76 0.14
C ASN A 273 -5.57 -23.22 -0.30
N TYR A 274 -6.79 -23.72 -0.45
CA TYR A 274 -6.99 -25.07 -0.97
C TYR A 274 -6.49 -25.18 -2.40
N ALA A 275 -6.78 -24.17 -3.23
CA ALA A 275 -6.37 -24.21 -4.63
C ALA A 275 -4.85 -24.27 -4.75
N VAL A 276 -4.14 -23.42 -4.01
CA VAL A 276 -2.69 -23.43 -4.05
C VAL A 276 -2.13 -24.74 -3.49
N GLU A 277 -2.80 -25.31 -2.50
CA GLU A 277 -2.31 -26.54 -1.87
C GLU A 277 -2.33 -27.71 -2.85
N HIS A 278 -3.38 -27.83 -3.65
CA HIS A 278 -3.55 -28.97 -4.54
C HIS A 278 -3.31 -28.61 -6.00
N SER A 279 -2.65 -27.48 -6.27
CA SER A 279 -2.37 -27.09 -7.64
C SER A 279 -1.17 -27.85 -8.18
N ASP A 280 -1.12 -28.00 -9.50
CA ASP A 280 0.05 -28.55 -10.17
C ASP A 280 0.80 -27.49 -10.97
N LEU A 281 0.21 -26.33 -11.20
CA LEU A 281 0.87 -25.21 -11.87
C LEU A 281 0.52 -23.93 -11.14
N LEU A 282 1.54 -23.26 -10.59
CA LEU A 282 1.35 -22.03 -9.84
C LEU A 282 1.97 -20.88 -10.62
N LEU A 283 1.12 -19.97 -11.10
CA LEU A 283 1.58 -18.82 -11.87
C LEU A 283 1.76 -17.66 -10.89
N ALA A 284 2.98 -17.50 -10.40
CA ALA A 284 3.30 -16.45 -9.42
C ALA A 284 3.69 -15.19 -10.18
N PHE A 285 2.73 -14.29 -10.36
CA PHE A 285 2.92 -13.07 -11.13
C PHE A 285 2.94 -11.88 -10.17
N GLY A 286 4.09 -11.21 -10.09
CA GLY A 286 4.20 -10.02 -9.25
C GLY A 286 4.06 -10.26 -7.77
N VAL A 287 4.66 -11.33 -7.26
CA VAL A 287 4.59 -11.68 -5.84
C VAL A 287 6.02 -11.89 -5.34
N ARG A 288 6.16 -12.00 -4.01
CA ARG A 288 7.46 -12.21 -3.39
C ARG A 288 7.45 -13.34 -2.36
N PHE A 289 6.40 -14.16 -2.36
CA PHE A 289 6.33 -15.36 -1.53
C PHE A 289 6.56 -15.03 -0.05
N ASP A 290 5.71 -14.17 0.48
CA ASP A 290 5.84 -13.73 1.87
C ASP A 290 5.42 -14.84 2.82
N ASP A 291 6.02 -14.85 4.02
CA ASP A 291 5.70 -15.88 5.00
C ASP A 291 4.24 -15.79 5.45
N ARG A 292 3.64 -14.60 5.39
CA ARG A 292 2.22 -14.47 5.68
C ARG A 292 1.36 -15.15 4.63
N VAL A 293 1.93 -15.53 3.48
CA VAL A 293 1.19 -16.23 2.44
C VAL A 293 1.54 -17.72 2.40
N THR A 294 2.83 -18.04 2.52
CA THR A 294 3.29 -19.41 2.34
C THR A 294 3.18 -20.26 3.61
N GLY A 295 3.39 -19.67 4.78
CA GLY A 295 3.47 -20.47 5.98
C GLY A 295 4.73 -21.32 5.95
N LYS A 296 4.58 -22.62 6.14
CA LYS A 296 5.71 -23.53 5.99
C LYS A 296 6.05 -23.64 4.50
N LEU A 297 7.26 -23.19 4.13
CA LEU A 297 7.61 -23.09 2.71
C LEU A 297 7.60 -24.45 2.02
N GLU A 298 8.02 -25.50 2.74
CA GLU A 298 8.10 -26.82 2.12
C GLU A 298 6.72 -27.34 1.74
N ALA A 299 5.69 -26.98 2.49
CA ALA A 299 4.34 -27.43 2.23
C ALA A 299 3.56 -26.51 1.31
N PHE A 300 4.07 -25.31 1.03
CA PHE A 300 3.38 -24.35 0.17
C PHE A 300 3.55 -24.78 -1.29
N ALA A 301 2.42 -25.09 -1.94
CA ALA A 301 2.41 -25.56 -3.32
C ALA A 301 3.38 -26.74 -3.51
N SER A 302 3.26 -27.71 -2.60
CA SER A 302 4.23 -28.80 -2.53
C SER A 302 4.20 -29.71 -3.75
N ARG A 303 3.12 -29.68 -4.53
CA ARG A 303 2.99 -30.52 -5.71
C ARG A 303 2.62 -29.69 -6.93
N ALA A 304 3.25 -28.53 -7.08
CA ALA A 304 2.95 -27.61 -8.18
C ALA A 304 4.24 -27.19 -8.87
N LYS A 305 4.18 -27.10 -10.20
CA LYS A 305 5.27 -26.52 -10.97
C LYS A 305 5.13 -25.00 -10.93
N ILE A 306 6.10 -24.32 -10.35
CA ILE A 306 5.98 -22.93 -9.98
C ILE A 306 6.62 -22.06 -11.07
N VAL A 307 5.83 -21.19 -11.66
CA VAL A 307 6.30 -20.19 -12.62
C VAL A 307 6.29 -18.84 -11.92
N HIS A 308 7.46 -18.21 -11.82
CA HIS A 308 7.61 -16.97 -11.08
C HIS A 308 8.09 -15.88 -12.04
N ILE A 309 7.23 -14.90 -12.29
CA ILE A 309 7.58 -13.71 -13.06
C ILE A 309 7.71 -12.55 -12.08
N ASP A 310 8.90 -11.94 -12.04
CA ASP A 310 9.16 -10.84 -11.13
C ASP A 310 10.19 -9.92 -11.75
N ILE A 311 10.02 -8.61 -11.53
CA ILE A 311 10.93 -7.61 -12.09
C ILE A 311 12.23 -7.50 -11.30
N ASP A 312 12.30 -8.11 -10.12
CA ASP A 312 13.50 -8.08 -9.27
C ASP A 312 14.11 -9.47 -9.29
N SER A 313 15.31 -9.57 -9.88
CA SER A 313 16.00 -10.86 -9.94
C SER A 313 16.38 -11.37 -8.56
N ALA A 314 16.54 -10.48 -7.59
CA ALA A 314 16.85 -10.89 -6.22
C ALA A 314 15.68 -11.60 -5.55
N GLU A 315 14.47 -11.50 -6.10
CA GLU A 315 13.31 -12.16 -5.53
C GLU A 315 13.09 -13.56 -6.08
N ILE A 316 13.60 -13.85 -7.28
CA ILE A 316 13.36 -15.14 -7.92
C ILE A 316 14.22 -16.20 -7.24
N GLY A 317 13.56 -17.14 -6.55
CA GLY A 317 14.26 -18.18 -5.83
C GLY A 317 14.73 -17.79 -4.44
N LYS A 318 14.19 -16.71 -3.88
CA LYS A 318 14.62 -16.28 -2.55
C LYS A 318 14.10 -17.23 -1.47
N ASN A 319 12.79 -17.48 -1.47
CA ASN A 319 12.16 -18.36 -0.50
C ASN A 319 11.64 -19.66 -1.10
N LYS A 320 11.12 -19.60 -2.32
CA LYS A 320 10.57 -20.78 -3.00
C LYS A 320 11.23 -20.90 -4.36
N THR A 321 11.88 -22.02 -4.62
CA THR A 321 12.60 -22.20 -5.87
C THR A 321 11.63 -22.58 -6.98
N PRO A 322 11.53 -21.79 -8.04
CA PRO A 322 10.59 -22.10 -9.12
C PRO A 322 11.18 -23.06 -10.16
N HIS A 323 10.27 -23.69 -10.89
CA HIS A 323 10.68 -24.51 -12.04
C HIS A 323 11.02 -23.63 -13.24
N VAL A 324 10.21 -22.60 -13.49
CA VAL A 324 10.41 -21.68 -14.59
C VAL A 324 10.39 -20.27 -14.03
N SER A 325 11.29 -19.41 -14.53
CA SER A 325 11.41 -18.04 -14.05
C SER A 325 11.55 -17.09 -15.22
N VAL A 326 10.96 -15.90 -15.08
CA VAL A 326 11.07 -14.83 -16.07
C VAL A 326 11.32 -13.53 -15.31
N CYS A 327 12.51 -12.97 -15.48
CA CYS A 327 12.86 -11.71 -14.82
C CYS A 327 12.51 -10.57 -15.77
N GLY A 328 11.39 -9.91 -15.51
CA GLY A 328 10.96 -8.81 -16.36
C GLY A 328 9.64 -8.25 -15.89
N ASP A 329 9.13 -7.31 -16.67
CA ASP A 329 7.84 -6.68 -16.36
C ASP A 329 6.72 -7.66 -16.67
N VAL A 330 5.92 -8.00 -15.65
CA VAL A 330 4.80 -8.92 -15.83
C VAL A 330 3.78 -8.35 -16.80
N LYS A 331 3.73 -7.03 -16.96
CA LYS A 331 2.84 -6.43 -17.95
C LYS A 331 3.20 -6.86 -19.36
N LEU A 332 4.51 -6.89 -19.67
CA LEU A 332 4.93 -7.33 -21.00
C LEU A 332 4.80 -8.84 -21.15
N ALA A 333 5.07 -9.59 -20.07
CA ALA A 333 4.93 -11.04 -20.12
C ALA A 333 3.48 -11.44 -20.40
N LEU A 334 2.53 -10.75 -19.78
CA LEU A 334 1.12 -11.02 -20.06
C LEU A 334 0.78 -10.67 -21.50
N GLN A 335 1.31 -9.55 -22.00
CA GLN A 335 1.06 -9.17 -23.38
C GLN A 335 1.59 -10.21 -24.36
N GLY A 336 2.82 -10.68 -24.13
CA GLY A 336 3.39 -11.68 -25.02
C GLY A 336 2.67 -13.02 -24.93
N MET A 337 2.28 -13.41 -23.71
CA MET A 337 1.53 -14.65 -23.56
C MET A 337 0.13 -14.55 -24.13
N ASN A 338 -0.49 -13.36 -24.07
CA ASN A 338 -1.81 -13.20 -24.64
C ASN A 338 -1.79 -13.34 -26.16
N LYS A 339 -0.72 -12.87 -26.80
CA LYS A 339 -0.57 -13.04 -28.24
C LYS A 339 -0.51 -14.52 -28.61
N VAL A 340 0.31 -15.29 -27.88
CA VAL A 340 0.45 -16.71 -28.15
C VAL A 340 -0.88 -17.43 -27.94
N LEU A 341 -1.59 -17.08 -26.86
CA LEU A 341 -2.82 -17.78 -26.52
C LEU A 341 -3.94 -17.51 -27.53
N GLU A 342 -3.90 -16.35 -28.19
CA GLU A 342 -4.93 -16.05 -29.18
C GLU A 342 -4.72 -16.86 -30.45
N ASN A 343 -3.50 -16.88 -30.97
CA ASN A 343 -3.22 -17.56 -32.23
C ASN A 343 -3.40 -19.07 -32.08
N ARG A 344 -2.76 -19.66 -31.08
CA ARG A 344 -2.84 -21.10 -30.84
C ARG A 344 -4.01 -21.48 -29.94
N ALA A 345 -5.09 -20.71 -29.97
CA ALA A 345 -6.23 -20.97 -29.09
C ALA A 345 -6.85 -22.33 -29.38
N GLU A 346 -7.32 -22.53 -30.61
CA GLU A 346 -7.95 -23.81 -30.96
C GLU A 346 -6.94 -24.94 -30.94
N GLU A 347 -5.66 -24.64 -31.12
CA GLU A 347 -4.61 -25.66 -31.05
C GLU A 347 -4.41 -26.16 -29.63
N LEU A 348 -4.59 -25.30 -28.64
CA LEU A 348 -4.37 -25.66 -27.24
C LEU A 348 -5.59 -26.34 -26.60
N LYS A 349 -6.79 -25.85 -26.89
CA LYS A 349 -8.03 -26.34 -26.27
C LYS A 349 -7.91 -26.37 -24.75
N LEU A 350 -7.87 -25.17 -24.18
CA LEU A 350 -7.73 -25.01 -22.74
C LEU A 350 -9.09 -25.13 -22.07
N ASP A 351 -9.19 -26.01 -21.08
CA ASP A 351 -10.42 -26.20 -20.32
C ASP A 351 -10.06 -26.73 -18.95
N PHE A 352 -10.33 -25.95 -17.91
CA PHE A 352 -10.08 -26.35 -16.53
C PHE A 352 -11.37 -26.40 -15.72
N GLY A 353 -12.49 -26.69 -16.40
CA GLY A 353 -13.77 -26.71 -15.72
C GLY A 353 -13.86 -27.75 -14.61
N VAL A 354 -13.13 -28.84 -14.75
CA VAL A 354 -13.08 -29.84 -13.69
C VAL A 354 -12.38 -29.28 -12.46
N TRP A 355 -11.27 -28.57 -12.67
CA TRP A 355 -10.56 -27.94 -11.56
C TRP A 355 -11.36 -26.80 -10.96
N ARG A 356 -11.99 -25.98 -11.81
CA ARG A 356 -12.81 -24.88 -11.31
C ARG A 356 -13.99 -25.40 -10.51
N ASN A 357 -14.58 -26.53 -10.94
CA ASN A 357 -15.70 -27.09 -10.20
C ASN A 357 -15.24 -27.67 -8.87
N GLU A 358 -14.04 -28.27 -8.84
CA GLU A 358 -13.49 -28.76 -7.59
C GLU A 358 -13.28 -27.61 -6.60
N LEU A 359 -12.86 -26.44 -7.10
CA LEU A 359 -12.68 -25.29 -6.24
C LEU A 359 -14.01 -24.65 -5.87
N ASN A 360 -14.96 -24.62 -6.81
CA ASN A 360 -16.27 -24.05 -6.53
C ASN A 360 -17.04 -24.85 -5.48
N VAL A 361 -16.71 -26.13 -5.31
CA VAL A 361 -17.28 -26.90 -4.21
C VAL A 361 -16.73 -26.40 -2.88
N GLN A 362 -15.41 -26.17 -2.82
CA GLN A 362 -14.82 -25.59 -1.62
C GLN A 362 -15.31 -24.17 -1.39
N LYS A 363 -15.60 -23.43 -2.47
CA LYS A 363 -16.06 -22.05 -2.33
C LYS A 363 -17.44 -21.99 -1.68
N GLN A 364 -18.27 -23.01 -1.90
CA GLN A 364 -19.60 -23.03 -1.30
C GLN A 364 -19.65 -23.77 0.02
N LYS A 365 -18.71 -24.68 0.28
CA LYS A 365 -18.69 -25.36 1.57
C LYS A 365 -17.98 -24.55 2.65
N PHE A 366 -16.98 -23.75 2.27
CA PHE A 366 -16.20 -22.95 3.21
C PHE A 366 -16.10 -21.52 2.73
N PRO A 367 -17.19 -20.75 2.78
CA PRO A 367 -17.13 -19.34 2.43
C PRO A 367 -16.86 -18.47 3.66
N LEU A 368 -16.49 -17.22 3.40
CA LEU A 368 -16.27 -16.26 4.47
C LEU A 368 -17.57 -16.01 5.22
N SER A 369 -17.53 -16.18 6.55
CA SER A 369 -18.73 -16.11 7.37
C SER A 369 -18.50 -15.24 8.59
N PHE A 370 -19.60 -14.69 9.12
CA PHE A 370 -19.58 -13.89 10.34
C PHE A 370 -20.92 -14.04 11.03
N LYS A 371 -20.87 -14.03 12.37
CA LYS A 371 -22.08 -14.08 13.17
C LYS A 371 -22.64 -12.67 13.41
N THR A 372 -23.92 -12.61 13.75
CA THR A 372 -24.60 -11.37 14.09
C THR A 372 -25.26 -11.55 15.45
N PHE A 373 -24.71 -10.91 16.48
CA PHE A 373 -25.17 -11.09 17.85
C PHE A 373 -26.17 -9.99 18.20
N GLY A 374 -27.44 -10.36 18.24
CA GLY A 374 -28.48 -9.40 18.63
C GLY A 374 -28.49 -8.20 17.69
N GLU A 375 -28.43 -7.01 18.28
CA GLU A 375 -28.35 -5.77 17.52
C GLU A 375 -26.94 -5.23 17.42
N ALA A 376 -25.94 -5.96 17.92
CA ALA A 376 -24.56 -5.50 17.80
C ALA A 376 -24.13 -5.49 16.35
N ILE A 377 -23.32 -4.50 15.98
CA ILE A 377 -22.88 -4.31 14.61
C ILE A 377 -21.70 -5.25 14.31
N PRO A 378 -21.84 -6.16 13.36
CA PRO A 378 -20.68 -6.93 12.91
C PRO A 378 -19.77 -6.06 12.06
N PRO A 379 -18.48 -6.00 12.39
CA PRO A 379 -17.57 -5.19 11.56
C PRO A 379 -17.52 -5.64 10.11
N GLN A 380 -17.59 -6.96 9.88
CA GLN A 380 -17.65 -7.47 8.52
C GLN A 380 -18.88 -6.96 7.79
N TYR A 381 -20.01 -6.87 8.50
CA TYR A 381 -21.25 -6.41 7.87
C TYR A 381 -21.16 -4.92 7.52
N ALA A 382 -20.51 -4.12 8.37
CA ALA A 382 -20.39 -2.69 8.08
C ALA A 382 -19.61 -2.46 6.79
N ILE A 383 -18.55 -3.24 6.58
CA ILE A 383 -17.76 -3.09 5.36
C ILE A 383 -18.57 -3.57 4.15
N LYS A 384 -19.37 -4.62 4.33
CA LYS A 384 -20.27 -5.07 3.27
C LYS A 384 -21.23 -3.96 2.86
N VAL A 385 -21.79 -3.25 3.85
CA VAL A 385 -22.73 -2.16 3.54
C VAL A 385 -22.01 -1.03 2.82
N LEU A 386 -20.79 -0.70 3.26
CA LEU A 386 -20.02 0.35 2.59
C LEU A 386 -19.72 -0.03 1.14
N ASP A 387 -19.51 -1.32 0.89
CA ASP A 387 -19.33 -1.78 -0.49
C ASP A 387 -20.57 -1.51 -1.33
N GLU A 388 -21.74 -1.86 -0.80
CA GLU A 388 -22.98 -1.70 -1.56
C GLU A 388 -23.29 -0.22 -1.81
N LEU A 389 -23.20 0.60 -0.77
CA LEU A 389 -23.58 2.01 -0.89
C LEU A 389 -22.59 2.81 -1.73
N THR A 390 -21.36 2.33 -1.90
CA THR A 390 -20.39 2.98 -2.76
C THR A 390 -20.23 2.27 -4.10
N ASP A 391 -20.96 1.18 -4.33
CA ASP A 391 -20.89 0.40 -5.57
C ASP A 391 -19.48 -0.13 -5.81
N GLY A 392 -18.72 -0.36 -4.75
CA GLY A 392 -17.37 -0.87 -4.88
C GLY A 392 -16.41 0.04 -5.61
N LYS A 393 -16.75 1.33 -5.76
CA LYS A 393 -15.95 2.27 -6.51
C LYS A 393 -15.07 3.14 -5.63
N ALA A 394 -15.09 2.94 -4.31
CA ALA A 394 -14.40 3.81 -3.39
C ALA A 394 -12.94 3.42 -3.23
N ILE A 395 -12.11 4.41 -2.92
CA ILE A 395 -10.71 4.19 -2.56
C ILE A 395 -10.65 3.94 -1.06
N ILE A 396 -10.08 2.80 -0.67
CA ILE A 396 -10.09 2.34 0.70
C ILE A 396 -8.66 2.33 1.24
N SER A 397 -8.43 3.09 2.30
CA SER A 397 -7.21 3.00 3.09
C SER A 397 -7.56 2.47 4.48
N THR A 398 -6.66 1.69 5.05
CA THR A 398 -6.88 1.07 6.35
C THR A 398 -5.69 1.28 7.25
N GLY A 399 -5.90 1.06 8.54
CA GLY A 399 -4.81 0.93 9.48
C GLY A 399 -4.25 -0.47 9.44
N VAL A 400 -3.94 -1.05 10.60
CA VAL A 400 -3.40 -2.40 10.67
C VAL A 400 -4.09 -3.13 11.82
N GLY A 401 -4.54 -4.35 11.57
CA GLY A 401 -5.20 -5.14 12.58
C GLY A 401 -6.40 -5.90 12.05
N GLN A 402 -7.37 -6.19 12.93
CA GLN A 402 -8.55 -6.94 12.51
C GLN A 402 -9.33 -6.20 11.44
N HIS A 403 -9.52 -4.89 11.65
CA HIS A 403 -10.25 -4.07 10.67
C HIS A 403 -9.56 -4.09 9.30
N GLN A 404 -8.23 -4.16 9.28
CA GLN A 404 -7.50 -4.22 8.02
C GLN A 404 -7.85 -5.48 7.25
N MET A 405 -7.95 -6.61 7.95
CA MET A 405 -8.26 -7.87 7.27
C MET A 405 -9.70 -7.88 6.77
N TRP A 406 -10.64 -7.43 7.61
CA TRP A 406 -12.04 -7.40 7.21
C TRP A 406 -12.27 -6.47 6.02
N ALA A 407 -11.51 -5.36 5.96
CA ALA A 407 -11.61 -4.47 4.81
C ALA A 407 -11.08 -5.14 3.54
N ALA A 408 -10.15 -6.09 3.70
CA ALA A 408 -9.67 -6.86 2.56
C ALA A 408 -10.64 -7.96 2.18
N GLN A 409 -11.30 -8.57 3.17
CA GLN A 409 -12.15 -9.73 2.91
C GLN A 409 -13.52 -9.34 2.36
N PHE A 410 -14.10 -8.26 2.88
CA PHE A 410 -15.51 -7.95 2.64
C PHE A 410 -15.71 -6.68 1.80
N TYR A 411 -14.74 -6.31 0.99
CA TYR A 411 -14.91 -5.24 0.01
C TYR A 411 -14.45 -5.76 -1.35
N ASN A 412 -15.32 -5.61 -2.36
CA ASN A 412 -15.04 -6.11 -3.70
C ASN A 412 -14.40 -5.01 -4.52
N TYR A 413 -13.07 -4.97 -4.50
CA TYR A 413 -12.32 -3.98 -5.26
C TYR A 413 -12.31 -4.35 -6.74
N LYS A 414 -12.73 -3.42 -7.58
CA LYS A 414 -12.90 -3.68 -9.01
C LYS A 414 -11.66 -3.32 -9.83
N LYS A 415 -10.85 -2.38 -9.35
CA LYS A 415 -9.67 -1.93 -10.06
C LYS A 415 -8.51 -1.84 -9.07
N PRO A 416 -7.28 -1.95 -9.54
CA PRO A 416 -6.13 -1.73 -8.66
C PRO A 416 -6.06 -0.25 -8.24
N ARG A 417 -5.27 -0.02 -7.19
CA ARG A 417 -5.06 1.29 -6.58
C ARG A 417 -6.32 1.83 -5.92
N GLN A 418 -7.31 0.97 -5.66
CA GLN A 418 -8.37 1.29 -4.70
C GLN A 418 -8.00 0.88 -3.29
N TRP A 419 -7.04 -0.02 -3.15
CA TRP A 419 -6.71 -0.66 -1.88
C TRP A 419 -5.35 -0.16 -1.42
N LEU A 420 -5.36 0.69 -0.39
CA LEU A 420 -4.15 1.31 0.14
C LEU A 420 -3.97 0.79 1.57
N SER A 421 -3.02 -0.13 1.74
CA SER A 421 -2.84 -0.77 3.04
C SER A 421 -1.37 -1.16 3.21
N SER A 422 -0.87 -1.00 4.43
CA SER A 422 0.50 -1.37 4.76
C SER A 422 0.56 -2.88 4.97
N GLY A 423 1.18 -3.58 4.03
CA GLY A 423 1.23 -5.03 4.08
C GLY A 423 2.56 -5.58 4.54
N GLY A 424 3.66 -5.07 3.98
CA GLY A 424 4.97 -5.58 4.36
C GLY A 424 5.38 -5.16 5.76
N LEU A 425 5.34 -3.87 6.04
CA LEU A 425 5.69 -3.37 7.37
C LEU A 425 4.50 -3.46 8.33
N GLY A 426 3.29 -3.20 7.83
CA GLY A 426 2.11 -3.23 8.67
C GLY A 426 2.13 -2.16 9.74
N ALA A 427 2.20 -0.90 9.32
CA ALA A 427 2.36 0.21 10.24
C ALA A 427 1.00 0.80 10.60
N MET A 428 0.66 0.75 11.90
CA MET A 428 -0.53 1.42 12.37
C MET A 428 -0.41 2.93 12.16
N GLY A 429 -1.56 3.60 12.13
CA GLY A 429 -1.58 5.01 11.81
C GLY A 429 -1.38 5.33 10.34
N PHE A 430 -1.41 4.32 9.47
CA PHE A 430 -1.26 4.54 8.03
C PHE A 430 -2.55 5.01 7.38
N GLY A 431 -3.70 4.56 7.90
CA GLY A 431 -4.98 4.78 7.26
C GLY A 431 -5.37 6.23 7.02
N LEU A 432 -5.44 7.02 8.09
CA LEU A 432 -5.87 8.41 7.94
C LEU A 432 -4.97 9.23 7.03
N PRO A 433 -3.65 9.24 7.18
CA PRO A 433 -2.83 10.06 6.27
C PRO A 433 -2.83 9.56 4.84
N ALA A 434 -2.90 8.24 4.63
CA ALA A 434 -2.97 7.72 3.27
C ALA A 434 -4.24 8.16 2.56
N ALA A 435 -5.35 8.26 3.31
CA ALA A 435 -6.57 8.79 2.73
C ALA A 435 -6.40 10.26 2.32
N ILE A 436 -5.61 11.00 3.08
CA ILE A 436 -5.32 12.39 2.72
C ILE A 436 -4.62 12.46 1.37
N GLY A 437 -3.57 11.65 1.20
CA GLY A 437 -2.84 11.68 -0.06
C GLY A 437 -3.65 11.16 -1.23
N ALA A 438 -4.50 10.16 -0.99
CA ALA A 438 -5.33 9.62 -2.07
C ALA A 438 -6.38 10.63 -2.49
N SER A 439 -6.94 11.38 -1.55
CA SER A 439 -7.95 12.38 -1.89
C SER A 439 -7.36 13.50 -2.73
N VAL A 440 -6.14 13.93 -2.41
CA VAL A 440 -5.49 14.98 -3.19
C VAL A 440 -5.18 14.49 -4.58
N ALA A 441 -4.80 13.22 -4.72
CA ALA A 441 -4.49 12.66 -6.03
C ALA A 441 -5.74 12.31 -6.83
N ASN A 442 -6.87 12.07 -6.16
CA ASN A 442 -8.14 11.73 -6.81
C ASN A 442 -9.23 12.59 -6.18
N PRO A 443 -9.36 13.85 -6.60
CA PRO A 443 -10.29 14.75 -5.92
C PRO A 443 -11.76 14.37 -6.09
N ASP A 444 -12.13 13.76 -7.22
CA ASP A 444 -13.50 13.41 -7.51
C ASP A 444 -13.87 11.99 -7.10
N ALA A 445 -13.06 11.37 -6.25
CA ALA A 445 -13.26 9.98 -5.86
C ALA A 445 -13.76 9.88 -4.43
N ILE A 446 -14.45 8.79 -4.14
CA ILE A 446 -14.86 8.47 -2.77
C ILE A 446 -13.66 7.84 -2.06
N VAL A 447 -13.19 8.50 -1.01
CA VAL A 447 -12.05 8.03 -0.22
C VAL A 447 -12.55 7.74 1.19
N VAL A 448 -12.40 6.51 1.63
CA VAL A 448 -12.86 6.07 2.95
C VAL A 448 -11.70 5.42 3.68
N ASP A 449 -11.47 5.85 4.93
CA ASP A 449 -10.43 5.27 5.77
C ASP A 449 -11.11 4.33 6.76
N ILE A 450 -11.04 3.04 6.48
CA ILE A 450 -11.54 2.01 7.39
C ILE A 450 -10.45 1.77 8.44
N ASP A 451 -10.57 2.46 9.56
CA ASP A 451 -9.52 2.49 10.58
C ASP A 451 -9.97 1.78 11.84
N GLY A 452 -8.98 1.36 12.63
CA GLY A 452 -9.22 0.85 13.96
C GLY A 452 -8.94 1.92 15.00
N ASP A 453 -9.54 1.75 16.18
CA ASP A 453 -9.42 2.76 17.23
C ASP A 453 -7.98 2.94 17.69
N GLY A 454 -7.17 1.88 17.63
CA GLY A 454 -5.77 2.02 17.97
C GLY A 454 -4.99 2.72 16.87
N SER A 455 -5.19 2.30 15.62
CA SER A 455 -4.48 2.90 14.50
C SER A 455 -4.92 4.33 14.27
N PHE A 456 -6.21 4.61 14.42
CA PHE A 456 -6.74 5.94 14.12
C PHE A 456 -6.14 7.00 15.04
N ILE A 457 -5.96 6.67 16.32
CA ILE A 457 -5.51 7.67 17.28
C ILE A 457 -4.03 7.98 17.12
N MET A 458 -3.24 7.07 16.53
CA MET A 458 -1.80 7.29 16.42
C MET A 458 -1.49 8.55 15.62
N ASN A 459 -2.18 8.75 14.51
CA ASN A 459 -2.06 9.95 13.69
C ASN A 459 -3.38 10.70 13.61
N VAL A 460 -4.07 10.81 14.75
CA VAL A 460 -5.32 11.55 14.81
C VAL A 460 -5.11 13.03 14.52
N GLN A 461 -3.88 13.53 14.68
CA GLN A 461 -3.61 14.95 14.42
C GLN A 461 -3.88 15.33 12.97
N GLU A 462 -3.84 14.37 12.05
CA GLU A 462 -4.07 14.67 10.65
C GLU A 462 -5.51 15.05 10.35
N LEU A 463 -6.42 14.91 11.32
CA LEU A 463 -7.77 15.44 11.14
C LEU A 463 -7.75 16.95 10.90
N ALA A 464 -6.77 17.64 11.48
CA ALA A 464 -6.59 19.06 11.20
C ALA A 464 -6.21 19.28 9.74
N THR A 465 -5.36 18.41 9.20
CA THR A 465 -4.97 18.53 7.80
C THR A 465 -6.17 18.34 6.88
N ILE A 466 -7.06 17.41 7.23
CA ILE A 466 -8.23 17.14 6.39
C ILE A 466 -9.14 18.36 6.34
N ARG A 467 -9.37 19.00 7.49
CA ARG A 467 -10.27 20.14 7.53
C ARG A 467 -9.68 21.33 6.79
N VAL A 468 -8.42 21.66 7.06
CA VAL A 468 -7.79 22.84 6.45
C VAL A 468 -7.75 22.69 4.93
N GLU A 469 -7.34 21.52 4.45
CA GLU A 469 -7.28 21.27 3.01
C GLU A 469 -8.63 20.96 2.39
N ASN A 470 -9.69 20.89 3.20
CA ASN A 470 -11.06 20.66 2.72
C ASN A 470 -11.13 19.42 1.84
N LEU A 471 -10.68 18.30 2.39
CA LEU A 471 -10.65 17.03 1.67
C LEU A 471 -11.84 16.18 2.06
N PRO A 472 -12.60 15.64 1.10
CA PRO A 472 -13.78 14.83 1.41
C PRO A 472 -13.41 13.41 1.88
N VAL A 473 -12.62 13.35 2.95
CA VAL A 473 -12.15 12.08 3.49
C VAL A 473 -13.19 11.55 4.47
N LYS A 474 -13.68 10.34 4.21
CA LYS A 474 -14.60 9.66 5.11
C LYS A 474 -13.81 8.70 6.00
N VAL A 475 -14.19 8.62 7.26
CA VAL A 475 -13.53 7.76 8.23
C VAL A 475 -14.57 6.77 8.75
N LEU A 476 -14.46 5.52 8.32
CA LEU A 476 -15.29 4.43 8.84
C LEU A 476 -14.50 3.75 9.95
N LEU A 477 -14.69 4.24 11.17
CA LEU A 477 -13.90 3.80 12.32
C LEU A 477 -14.56 2.60 12.96
N LEU A 478 -14.00 1.41 12.75
CA LEU A 478 -14.45 0.18 13.38
C LEU A 478 -13.86 0.14 14.78
N ASN A 479 -14.66 0.51 15.78
CA ASN A 479 -14.18 0.71 17.14
C ASN A 479 -14.53 -0.52 17.99
N ASN A 480 -13.51 -1.27 18.40
CA ASN A 480 -13.69 -2.41 19.30
C ASN A 480 -13.03 -2.19 20.65
N GLN A 481 -12.56 -0.97 20.93
CA GLN A 481 -11.95 -0.61 22.21
C GLN A 481 -10.72 -1.44 22.54
N HIS A 482 -10.13 -2.10 21.55
CA HIS A 482 -9.01 -3.00 21.80
C HIS A 482 -8.01 -2.92 20.65
N LEU A 483 -6.78 -3.33 20.95
CA LEU A 483 -5.81 -3.71 19.93
C LEU A 483 -6.21 -5.11 19.46
N GLY A 484 -7.18 -5.13 18.53
CA GLY A 484 -7.95 -6.35 18.31
C GLY A 484 -7.12 -7.53 17.81
N MET A 485 -6.20 -7.27 16.88
N MET A 485 -6.20 -7.27 16.88
CA MET A 485 -5.40 -8.36 16.33
CA MET A 485 -5.39 -8.36 16.33
C MET A 485 -4.52 -8.99 17.40
C MET A 485 -4.52 -8.99 17.40
N VAL A 486 -3.92 -8.17 18.26
CA VAL A 486 -3.12 -8.72 19.35
C VAL A 486 -4.03 -9.39 20.38
N MET A 487 -5.24 -8.86 20.57
CA MET A 487 -6.22 -9.50 21.44
C MET A 487 -6.60 -10.88 20.91
N GLN A 488 -6.76 -10.99 19.60
CA GLN A 488 -7.12 -12.29 19.01
C GLN A 488 -6.03 -13.32 19.25
N TRP A 489 -4.76 -12.92 19.11
CA TRP A 489 -3.66 -13.84 19.37
C TRP A 489 -3.56 -14.17 20.86
N GLU A 490 -3.95 -13.24 21.73
CA GLU A 490 -4.02 -13.56 23.15
C GLU A 490 -5.06 -14.64 23.42
N ASP A 491 -6.23 -14.54 22.77
CA ASP A 491 -7.27 -15.55 22.97
C ASP A 491 -6.83 -16.91 22.45
N ARG A 492 -6.13 -16.93 21.32
CA ARG A 492 -5.80 -18.20 20.68
C ARG A 492 -4.64 -18.91 21.36
N PHE A 493 -3.58 -18.19 21.71
CA PHE A 493 -2.33 -18.81 22.13
C PHE A 493 -1.87 -18.41 23.52
N TYR A 494 -2.63 -17.58 24.24
CA TYR A 494 -2.19 -17.16 25.57
C TYR A 494 -3.34 -17.19 26.58
N LYS A 495 -4.30 -18.09 26.38
CA LYS A 495 -5.41 -18.31 27.32
C LYS A 495 -6.19 -17.03 27.61
N ALA A 496 -6.33 -16.15 26.61
CA ALA A 496 -7.09 -14.91 26.72
C ALA A 496 -6.57 -14.00 27.84
N ASN A 497 -5.29 -14.12 28.18
CA ASN A 497 -4.70 -13.28 29.21
C ASN A 497 -4.37 -11.92 28.61
N ARG A 498 -5.10 -10.90 29.04
CA ARG A 498 -4.92 -9.56 28.49
C ARG A 498 -3.60 -8.96 28.95
N ALA A 499 -2.78 -8.53 27.99
CA ALA A 499 -1.48 -7.90 28.26
C ALA A 499 -1.45 -6.56 27.54
N HIS A 500 -2.15 -5.58 28.11
CA HIS A 500 -2.13 -4.19 27.64
C HIS A 500 -2.69 -4.05 26.23
N THR A 501 -3.82 -4.72 25.96
CA THR A 501 -4.49 -4.63 24.68
C THR A 501 -5.81 -3.87 24.75
N PHE A 502 -6.24 -3.47 25.94
CA PHE A 502 -7.46 -2.69 26.11
C PHE A 502 -7.15 -1.21 25.97
N LEU A 503 -7.89 -0.52 25.10
CA LEU A 503 -7.63 0.88 24.79
C LEU A 503 -8.58 1.85 25.47
N GLY A 504 -9.56 1.36 26.22
CA GLY A 504 -10.50 2.20 26.91
C GLY A 504 -10.02 2.59 28.30
N ASP A 505 -10.96 3.09 29.10
CA ASP A 505 -10.65 3.52 30.46
C ASP A 505 -11.15 2.47 31.43
N PRO A 506 -10.26 1.83 32.21
CA PRO A 506 -10.74 0.80 33.15
C PRO A 506 -11.65 1.35 34.25
N ALA A 507 -11.54 2.63 34.57
CA ALA A 507 -12.43 3.22 35.58
C ALA A 507 -13.87 3.24 35.08
N GLN A 508 -14.09 3.84 33.91
CA GLN A 508 -15.40 3.81 33.25
C GLN A 508 -15.35 2.75 32.16
N GLU A 509 -15.48 1.49 32.59
CA GLU A 509 -15.13 0.37 31.73
C GLU A 509 -16.14 0.17 30.60
N ASP A 510 -17.39 0.60 30.79
CA ASP A 510 -18.43 0.43 29.79
C ASP A 510 -18.64 1.67 28.94
N GLU A 511 -17.76 2.66 29.04
CA GLU A 511 -17.83 3.87 28.23
C GLU A 511 -16.88 3.76 27.05
N ILE A 512 -17.33 4.28 25.90
CA ILE A 512 -16.48 4.30 24.71
C ILE A 512 -15.39 5.35 24.93
N PHE A 513 -14.15 4.91 25.08
CA PHE A 513 -13.04 5.80 25.32
C PHE A 513 -11.91 5.50 24.35
N PRO A 514 -11.31 6.51 23.72
CA PRO A 514 -11.75 7.91 23.82
C PRO A 514 -12.99 8.20 22.99
N ASN A 515 -13.57 9.40 23.15
CA ASN A 515 -14.72 9.84 22.36
C ASN A 515 -14.19 10.39 21.05
N MET A 516 -14.10 9.52 20.05
CA MET A 516 -13.56 9.91 18.75
C MET A 516 -14.37 11.01 18.09
N LEU A 517 -15.66 11.14 18.43
CA LEU A 517 -16.48 12.20 17.87
C LEU A 517 -15.93 13.57 18.23
N LEU A 518 -15.43 13.73 19.45
CA LEU A 518 -14.87 15.02 19.87
C LEU A 518 -13.51 15.29 19.24
N PHE A 519 -12.79 14.25 18.81
CA PHE A 519 -11.60 14.45 18.00
C PHE A 519 -11.96 15.12 16.68
N ALA A 520 -12.99 14.60 16.01
CA ALA A 520 -13.47 15.23 14.78
C ALA A 520 -14.10 16.59 15.06
N ALA A 521 -14.76 16.73 16.21
CA ALA A 521 -15.36 18.02 16.57
C ALA A 521 -14.29 19.09 16.77
N ALA A 522 -13.16 18.70 17.37
CA ALA A 522 -12.07 19.65 17.58
C ALA A 522 -11.55 20.20 16.27
N CYS A 523 -11.62 19.41 15.20
CA CYS A 523 -11.16 19.82 13.88
C CYS A 523 -12.31 20.21 12.96
N GLY A 524 -13.46 20.56 13.51
CA GLY A 524 -14.59 21.00 12.71
C GLY A 524 -15.06 20.00 11.67
N ILE A 525 -15.00 18.72 11.99
CA ILE A 525 -15.39 17.65 11.08
C ILE A 525 -16.68 17.04 11.61
N PRO A 526 -17.76 17.03 10.82
CA PRO A 526 -19.00 16.40 11.29
C PRO A 526 -18.82 14.92 11.55
N ALA A 527 -19.37 14.44 12.66
CA ALA A 527 -19.16 13.07 13.08
C ALA A 527 -20.42 12.53 13.73
N ALA A 528 -20.52 11.20 13.75
CA ALA A 528 -21.64 10.53 14.39
C ALA A 528 -21.21 9.13 14.81
N ARG A 529 -21.95 8.56 15.75
CA ARG A 529 -21.68 7.22 16.27
C ARG A 529 -22.89 6.33 16.05
N VAL A 530 -22.65 5.09 15.69
CA VAL A 530 -23.70 4.10 15.49
C VAL A 530 -23.35 2.84 16.28
N THR A 531 -24.34 2.30 16.98
CA THR A 531 -24.16 1.14 17.84
C THR A 531 -25.05 -0.03 17.45
N LYS A 532 -26.27 0.22 16.98
CA LYS A 532 -27.21 -0.84 16.65
C LYS A 532 -27.20 -1.10 15.14
N LYS A 533 -27.28 -2.38 14.77
CA LYS A 533 -27.14 -2.77 13.36
C LYS A 533 -28.24 -2.17 12.49
N ALA A 534 -29.41 -1.90 13.07
CA ALA A 534 -30.50 -1.33 12.28
C ALA A 534 -30.17 0.07 11.77
N ASP A 535 -29.47 0.86 12.58
CA ASP A 535 -29.13 2.24 12.22
C ASP A 535 -27.87 2.33 11.37
N LEU A 536 -27.20 1.21 11.09
CA LEU A 536 -25.91 1.27 10.42
C LEU A 536 -26.04 1.72 8.98
N ARG A 537 -27.04 1.23 8.26
CA ARG A 537 -27.17 1.55 6.84
C ARG A 537 -27.41 3.03 6.63
N GLU A 538 -28.32 3.63 7.42
CA GLU A 538 -28.57 5.06 7.30
C GLU A 538 -27.38 5.88 7.76
N ALA A 539 -26.60 5.38 8.72
CA ALA A 539 -25.44 6.12 9.21
C ALA A 539 -24.37 6.22 8.14
N ILE A 540 -24.05 5.11 7.48
CA ILE A 540 -23.05 5.13 6.42
C ILE A 540 -23.52 5.97 5.25
N GLN A 541 -24.82 5.90 4.94
CA GLN A 541 -25.36 6.73 3.87
C GLN A 541 -25.24 8.21 4.21
N THR A 542 -25.46 8.57 5.47
CA THR A 542 -25.26 9.96 5.88
C THR A 542 -23.81 10.39 5.71
N MET A 543 -22.86 9.49 6.04
CA MET A 543 -21.45 9.81 5.87
C MET A 543 -21.11 10.08 4.41
N LEU A 544 -21.65 9.26 3.50
CA LEU A 544 -21.32 9.43 2.09
C LEU A 544 -21.99 10.66 1.50
N ASP A 545 -23.25 10.92 1.89
CA ASP A 545 -24.00 12.03 1.30
C ASP A 545 -23.56 13.38 1.85
N THR A 546 -23.05 13.42 3.08
CA THR A 546 -22.63 14.69 3.66
C THR A 546 -21.37 15.18 2.95
N PRO A 547 -21.40 16.36 2.32
CA PRO A 547 -20.21 16.83 1.61
C PRO A 547 -19.08 17.12 2.58
N GLY A 548 -17.85 16.82 2.13
CA GLY A 548 -16.67 17.09 2.92
C GLY A 548 -16.29 15.93 3.82
N PRO A 549 -15.46 16.21 4.82
CA PRO A 549 -15.00 15.14 5.72
C PRO A 549 -16.14 14.65 6.61
N TYR A 550 -16.00 13.41 7.07
CA TYR A 550 -16.98 12.82 7.96
C TYR A 550 -16.33 11.65 8.70
N LEU A 551 -16.65 11.53 9.99
CA LEU A 551 -16.19 10.43 10.82
C LEU A 551 -17.40 9.66 11.35
N LEU A 552 -17.41 8.36 11.13
CA LEU A 552 -18.48 7.49 11.61
C LEU A 552 -17.89 6.49 12.60
N ASP A 553 -18.27 6.63 13.86
CA ASP A 553 -17.76 5.75 14.93
C ASP A 553 -18.68 4.53 14.99
N VAL A 554 -18.19 3.41 14.47
CA VAL A 554 -18.96 2.17 14.41
C VAL A 554 -18.52 1.28 15.57
N ILE A 555 -19.43 1.10 16.54
CA ILE A 555 -19.13 0.28 17.70
C ILE A 555 -19.33 -1.19 17.35
N CYS A 556 -18.32 -2.00 17.62
CA CYS A 556 -18.34 -3.42 17.32
C CYS A 556 -18.00 -4.24 18.55
N PRO A 557 -18.59 -5.41 18.71
CA PRO A 557 -18.17 -6.30 19.79
C PRO A 557 -16.73 -6.75 19.60
N HIS A 558 -15.94 -6.65 20.66
CA HIS A 558 -14.50 -6.88 20.55
C HIS A 558 -14.14 -8.36 20.44
N GLN A 559 -15.04 -9.26 20.79
CA GLN A 559 -14.71 -10.69 20.78
C GLN A 559 -14.60 -11.28 19.38
N GLU A 560 -14.84 -10.49 18.33
CA GLU A 560 -14.75 -11.02 16.97
C GLU A 560 -13.32 -11.44 16.65
N HIS A 561 -13.19 -12.46 15.82
CA HIS A 561 -11.89 -12.95 15.37
C HIS A 561 -11.85 -12.95 13.84
N VAL A 562 -10.70 -12.58 13.29
CA VAL A 562 -10.49 -12.69 11.85
C VAL A 562 -10.34 -14.15 11.48
N LEU A 563 -11.19 -14.62 10.56
CA LEU A 563 -11.19 -16.01 10.13
C LEU A 563 -11.28 -16.09 8.62
N PRO A 564 -10.71 -17.14 8.01
CA PRO A 564 -9.95 -18.20 8.69
C PRO A 564 -8.54 -17.78 9.06
N MET A 565 -7.79 -18.67 9.69
CA MET A 565 -6.46 -18.32 10.20
C MET A 565 -5.57 -19.55 10.16
N ILE A 566 -4.52 -19.49 9.33
CA ILE A 566 -3.45 -20.47 9.34
C ILE A 566 -2.40 -19.98 10.33
N PRO A 567 -2.14 -20.71 11.42
CA PRO A 567 -1.14 -20.24 12.39
C PRO A 567 0.22 -20.01 11.74
N SER A 568 0.97 -19.10 12.32
CA SER A 568 2.23 -18.66 11.72
C SER A 568 3.18 -19.84 11.53
N GLY A 569 3.66 -20.00 10.29
CA GLY A 569 4.52 -21.11 9.97
C GLY A 569 3.83 -22.43 9.77
N GLY A 570 2.50 -22.46 9.75
CA GLY A 570 1.75 -23.68 9.62
C GLY A 570 1.50 -24.06 8.16
N THR A 571 0.69 -25.09 7.99
CA THR A 571 0.31 -25.61 6.68
C THR A 571 -1.19 -25.42 6.48
N PHE A 572 -1.69 -25.92 5.35
CA PHE A 572 -3.11 -25.82 5.07
C PHE A 572 -3.94 -26.68 6.01
N ASN A 573 -3.40 -27.83 6.43
CA ASN A 573 -4.11 -28.70 7.36
C ASN A 573 -4.17 -28.14 8.77
N ASP A 574 -3.52 -27.00 9.04
CA ASP A 574 -3.58 -26.35 10.34
C ASP A 574 -4.56 -25.20 10.38
N VAL A 575 -5.33 -24.99 9.30
CA VAL A 575 -6.16 -23.79 9.21
C VAL A 575 -7.25 -23.82 10.28
N ILE A 576 -7.46 -22.68 10.93
CA ILE A 576 -8.52 -22.51 11.91
C ILE A 576 -9.71 -21.87 11.22
N THR A 577 -10.89 -22.48 11.37
CA THR A 577 -12.08 -22.02 10.69
C THR A 577 -13.21 -21.58 11.61
N GLU A 578 -13.16 -21.93 12.90
CA GLU A 578 -14.23 -21.60 13.82
C GLU A 578 -13.65 -21.04 15.10
N GLY A 579 -14.46 -20.26 15.81
CA GLY A 579 -14.10 -19.80 17.13
C GLY A 579 -13.91 -18.29 17.19
N ASP A 580 -14.11 -17.74 18.39
CA ASP A 580 -13.83 -16.34 18.66
C ASP A 580 -13.44 -16.23 20.13
N GLY A 581 -13.60 -15.03 20.70
CA GLY A 581 -13.23 -14.79 22.08
C GLY A 581 -14.40 -14.84 23.04
N ARG A 582 -15.38 -15.69 22.76
CA ARG A 582 -16.57 -15.80 23.59
C ARG A 582 -16.63 -17.14 24.32
#